data_5CC2
#
_entry.id   5CC2
#
_cell.length_a   70.210
_cell.length_b   70.210
_cell.length_c   134.500
_cell.angle_alpha   90.000
_cell.angle_beta   90.000
_cell.angle_gamma   90.000
#
_symmetry.space_group_name_H-M   'P 43 21 2'
#
loop_
_entity.id
_entity.type
_entity.pdbx_description
1 polymer 'Glutamate receptor ionotropic, delta-2'
2 non-polymer '7-Chlorokynurenic acid'
3 non-polymer GLYCEROL
4 non-polymer 'CHLORIDE ION'
5 water water
#
_entity_poly.entity_id   1
_entity_poly.type   'polypeptide(L)'
_entity_poly.pdbx_seq_one_letter_code
;GGVVLRVVTVLEEPFVMVSENVLGKPKKYQGFSIDVLDALSNYLGFNYEIYVAPDHKYGSPQEDGTWNGLVGELVFKRAD
IGISALTITPDRENVVDFTTRYMDYSVGVLLRRGTSIQSLQDLSKQTDIPYGTVLDSAVYQHVRMKGLNPFERDSMYSQM
WRMINRSNGSENNVLESQAGIQKVKYGNYAFVWDAAVLEYVAINDPDCSFYTVGNTVADRGYGIALQHGSPYRDVFSQRI
LELQQSGDMDILKHKWWPKNGQCDL
;
_entity_poly.pdbx_strand_id   A
#
loop_
_chem_comp.id
_chem_comp.type
_chem_comp.name
_chem_comp.formula
CKA non-polymer '7-Chlorokynurenic acid' 'C10 H6 Cl N O3'
CL non-polymer 'CHLORIDE ION' 'Cl -1'
GOL non-polymer GLYCEROL 'C3 H8 O3'
#
# COMPACT_ATOMS: atom_id res chain seq x y z
N VAL A 3 -0.78 27.91 10.72
CA VAL A 3 0.17 26.81 10.75
C VAL A 3 -0.01 25.86 9.57
N VAL A 4 1.00 25.76 8.72
CA VAL A 4 0.93 24.96 7.50
C VAL A 4 1.90 23.79 7.51
N LEU A 5 1.37 22.58 7.39
CA LEU A 5 2.20 21.38 7.34
C LEU A 5 2.57 21.00 5.91
N ARG A 6 3.77 20.45 5.73
CA ARG A 6 4.21 19.99 4.43
C ARG A 6 4.07 18.47 4.36
N VAL A 7 3.19 18.01 3.48
CA VAL A 7 2.82 16.59 3.42
C VAL A 7 3.48 15.86 2.25
N VAL A 8 4.29 14.84 2.57
CA VAL A 8 4.83 13.96 1.55
C VAL A 8 3.94 12.73 1.39
N THR A 9 3.76 12.26 0.16
CA THR A 9 2.87 11.14 -0.11
C THR A 9 3.45 10.17 -1.14
N VAL A 10 2.79 9.02 -1.27
CA VAL A 10 3.10 8.06 -2.33
C VAL A 10 1.79 7.63 -2.98
N LEU A 11 1.71 7.76 -4.31
CA LEU A 11 0.48 7.47 -5.03
C LEU A 11 0.10 5.98 -4.98
N GLU A 12 -1.13 5.70 -4.60
CA GLU A 12 -1.63 4.33 -4.48
C GLU A 12 -3.16 4.35 -4.39
N GLU A 13 -3.84 3.99 -5.46
CA GLU A 13 -5.30 3.97 -5.45
C GLU A 13 -5.81 2.83 -4.57
N PRO A 14 -6.89 3.09 -3.81
CA PRO A 14 -7.57 4.38 -3.73
C PRO A 14 -7.14 5.18 -2.51
N PHE A 15 -5.97 4.86 -1.96
CA PHE A 15 -5.48 5.57 -0.78
C PHE A 15 -5.12 7.01 -1.10
N VAL A 16 -4.22 7.21 -2.06
CA VAL A 16 -3.88 8.54 -2.54
C VAL A 16 -3.87 8.55 -4.06
N MET A 17 -4.72 9.40 -4.66
CA MET A 17 -4.79 9.51 -6.12
C MET A 17 -4.70 10.97 -6.54
N VAL A 18 -3.94 11.23 -7.60
CA VAL A 18 -3.82 12.58 -8.14
C VAL A 18 -5.05 12.93 -8.99
N SER A 19 -5.76 13.97 -8.59
CA SER A 19 -7.02 14.34 -9.25
C SER A 19 -6.84 15.35 -10.38
N GLU A 20 -5.85 16.24 -10.24
CA GLU A 20 -5.68 17.33 -11.20
C GLU A 20 -4.22 17.72 -11.39
N ASN A 21 -3.78 17.73 -12.64
CA ASN A 21 -2.43 18.16 -12.99
C ASN A 21 -2.41 19.52 -13.68
N VAL A 22 -1.50 20.39 -13.27
CA VAL A 22 -1.32 21.69 -13.91
C VAL A 22 0.17 21.95 -14.16
N LEU A 23 0.52 22.25 -15.40
CA LEU A 23 1.90 22.49 -15.81
C LEU A 23 2.84 21.33 -15.46
N GLY A 24 2.33 20.11 -15.56
CA GLY A 24 3.14 18.92 -15.32
C GLY A 24 3.35 18.59 -13.85
N LYS A 25 2.43 19.02 -13.00
CA LYS A 25 2.50 18.72 -11.57
C LYS A 25 1.11 18.63 -10.97
N PRO A 26 0.93 17.70 -10.00
CA PRO A 26 -0.38 17.50 -9.36
C PRO A 26 -0.81 18.74 -8.58
N LYS A 27 -2.10 19.06 -8.63
CA LYS A 27 -2.63 20.21 -7.93
C LYS A 27 -3.57 19.78 -6.80
N LYS A 28 -4.35 18.73 -7.06
CA LYS A 28 -5.32 18.25 -6.09
C LYS A 28 -5.24 16.73 -5.90
N TYR A 29 -5.27 16.30 -4.65
CA TYR A 29 -5.21 14.87 -4.33
C TYR A 29 -6.49 14.41 -3.66
N GLN A 30 -6.87 13.16 -3.92
CA GLN A 30 -8.04 12.57 -3.28
C GLN A 30 -7.74 11.12 -2.90
N GLY A 31 -8.58 10.56 -2.04
CA GLY A 31 -8.38 9.18 -1.61
C GLY A 31 -8.73 8.99 -0.14
N PHE A 32 -8.70 7.73 0.30
CA PHE A 32 -9.00 7.39 1.67
C PHE A 32 -8.00 8.04 2.63
N SER A 33 -6.72 7.98 2.28
CA SER A 33 -5.68 8.59 3.11
C SER A 33 -5.79 10.10 3.11
N ILE A 34 -6.27 10.66 2.01
CA ILE A 34 -6.48 12.10 1.92
C ILE A 34 -7.63 12.54 2.82
N ASP A 35 -8.70 11.74 2.85
CA ASP A 35 -9.84 12.02 3.71
C ASP A 35 -9.48 11.94 5.20
N VAL A 36 -8.63 10.98 5.56
CA VAL A 36 -8.13 10.88 6.93
C VAL A 36 -7.29 12.11 7.27
N LEU A 37 -6.53 12.59 6.31
CA LEU A 37 -5.74 13.81 6.46
C LEU A 37 -6.66 15.02 6.62
N ASP A 38 -7.73 15.06 5.84
CA ASP A 38 -8.68 16.17 5.91
C ASP A 38 -9.50 16.15 7.20
N ALA A 39 -9.63 14.96 7.78
CA ALA A 39 -10.31 14.83 9.07
C ALA A 39 -9.44 15.40 10.18
N LEU A 40 -8.13 15.17 10.08
CA LEU A 40 -7.17 15.68 11.06
C LEU A 40 -7.00 17.19 10.95
N SER A 41 -6.95 17.69 9.73
CA SER A 41 -6.70 19.11 9.49
C SER A 41 -7.86 20.00 9.98
N ASN A 42 -9.08 19.56 9.72
CA ASN A 42 -10.26 20.33 10.11
C ASN A 42 -10.51 20.31 11.61
N TYR A 43 -10.19 19.20 12.26
CA TYR A 43 -10.44 19.06 13.69
C TYR A 43 -9.34 19.70 14.55
N LEU A 44 -8.09 19.50 14.14
CA LEU A 44 -6.95 20.00 14.90
C LEU A 44 -6.57 21.43 14.52
N GLY A 45 -7.07 21.90 13.38
CA GLY A 45 -6.88 23.27 12.97
C GLY A 45 -5.53 23.58 12.33
N PHE A 46 -5.17 22.80 11.31
CA PHE A 46 -3.99 23.10 10.51
C PHE A 46 -4.29 22.99 9.02
N ASN A 47 -3.50 23.69 8.20
CA ASN A 47 -3.59 23.56 6.76
C ASN A 47 -2.37 22.82 6.25
N TYR A 48 -2.42 22.33 5.02
CA TYR A 48 -1.33 21.52 4.50
C TYR A 48 -1.06 21.73 3.01
N GLU A 49 0.10 21.26 2.57
CA GLU A 49 0.42 21.20 1.15
C GLU A 49 1.04 19.83 0.88
N ILE A 50 0.74 19.26 -0.28
CA ILE A 50 1.17 17.89 -0.58
C ILE A 50 2.14 17.82 -1.77
N TYR A 51 3.24 17.09 -1.58
CA TYR A 51 4.14 16.77 -2.68
C TYR A 51 4.44 15.28 -2.69
N VAL A 52 4.66 14.72 -3.89
CA VAL A 52 4.92 13.30 -4.04
C VAL A 52 6.40 13.01 -3.81
N ALA A 53 6.70 11.90 -3.13
CA ALA A 53 8.08 11.46 -2.93
C ALA A 53 8.74 11.24 -4.29
N PRO A 54 9.88 11.91 -4.53
CA PRO A 54 10.55 11.95 -5.83
C PRO A 54 10.85 10.59 -6.44
N ASP A 55 11.21 9.61 -5.60
CA ASP A 55 11.53 8.27 -6.10
C ASP A 55 10.29 7.36 -6.11
N HIS A 56 9.15 7.91 -5.70
CA HIS A 56 7.88 7.18 -5.66
C HIS A 56 7.93 5.93 -4.77
N LYS A 57 8.90 5.88 -3.87
CA LYS A 57 9.06 4.74 -2.98
C LYS A 57 8.55 5.05 -1.58
N TYR A 58 8.18 4.02 -0.83
CA TYR A 58 7.73 4.21 0.54
C TYR A 58 8.90 4.48 1.47
N GLY A 59 9.96 3.68 1.35
CA GLY A 59 11.14 3.86 2.16
C GLY A 59 11.70 2.58 2.75
N SER A 60 12.97 2.32 2.50
CA SER A 60 13.66 1.15 3.04
C SER A 60 15.10 1.53 3.34
N PRO A 61 15.76 0.79 4.27
CA PRO A 61 17.14 1.13 4.62
C PRO A 61 18.09 0.87 3.44
N GLN A 62 19.10 1.71 3.30
CA GLN A 62 20.07 1.58 2.21
C GLN A 62 21.44 1.18 2.72
N GLU A 63 22.32 0.80 1.80
CA GLU A 63 23.73 0.59 2.12
C GLU A 63 24.39 1.95 2.32
N ASP A 64 24.47 2.36 3.60
CA ASP A 64 25.08 3.59 4.11
C ASP A 64 24.19 4.13 5.24
N GLY A 65 23.19 3.34 5.59
CA GLY A 65 22.31 3.67 6.70
C GLY A 65 21.14 4.56 6.33
N THR A 66 21.33 5.40 5.32
CA THR A 66 20.30 6.37 4.92
C THR A 66 19.02 5.70 4.44
N TRP A 67 17.90 6.42 4.55
CA TRP A 67 16.63 5.94 4.08
C TRP A 67 16.23 6.65 2.79
N ASN A 68 15.49 5.95 1.93
CA ASN A 68 14.96 6.55 0.71
C ASN A 68 13.45 6.76 0.83
N GLY A 69 12.83 7.16 -0.27
CA GLY A 69 11.39 7.28 -0.32
C GLY A 69 10.75 8.28 0.63
N LEU A 70 9.51 7.99 1.03
CA LEU A 70 8.75 8.85 1.92
C LEU A 70 9.41 8.97 3.29
N VAL A 71 9.85 7.84 3.83
CA VAL A 71 10.54 7.81 5.12
C VAL A 71 11.79 8.68 5.10
N GLY A 72 12.51 8.64 3.97
CA GLY A 72 13.71 9.44 3.81
C GLY A 72 13.43 10.93 3.81
N GLU A 73 12.28 11.31 3.27
CA GLU A 73 11.87 12.71 3.23
C GLU A 73 11.57 13.25 4.62
N LEU A 74 11.12 12.38 5.51
CA LEU A 74 10.83 12.76 6.89
C LEU A 74 12.10 12.83 7.74
N VAL A 75 13.02 11.91 7.49
CA VAL A 75 14.29 11.86 8.21
C VAL A 75 15.12 13.11 7.93
N PHE A 76 15.20 13.47 6.66
CA PHE A 76 15.95 14.65 6.24
C PHE A 76 15.16 15.94 6.50
N LYS A 77 13.99 15.78 7.13
CA LYS A 77 13.13 16.89 7.53
C LYS A 77 12.75 17.80 6.36
N ARG A 78 12.54 17.18 5.20
CA ARG A 78 12.06 17.89 4.02
C ARG A 78 10.53 17.92 4.04
N ALA A 79 9.94 17.14 4.94
CA ALA A 79 8.51 17.11 5.13
C ALA A 79 8.17 16.93 6.60
N ASP A 80 6.98 17.37 7.01
CA ASP A 80 6.57 17.25 8.41
C ASP A 80 5.87 15.91 8.66
N ILE A 81 4.91 15.58 7.82
CA ILE A 81 4.18 14.31 7.95
C ILE A 81 4.11 13.55 6.62
N GLY A 82 3.90 12.25 6.71
CA GLY A 82 3.74 11.42 5.54
C GLY A 82 2.37 10.79 5.49
N ILE A 83 1.62 11.07 4.42
CA ILE A 83 0.28 10.52 4.25
C ILE A 83 0.26 9.52 3.09
N SER A 84 0.14 8.23 3.42
CA SER A 84 0.12 7.17 2.44
C SER A 84 -0.22 5.83 3.09
N ALA A 85 -0.28 4.77 2.28
CA ALA A 85 -0.44 3.43 2.81
C ALA A 85 0.91 2.92 3.28
N LEU A 86 1.47 3.57 4.30
CA LEU A 86 2.80 3.25 4.79
C LEU A 86 2.75 2.20 5.91
N THR A 87 3.31 1.03 5.65
CA THR A 87 3.32 -0.07 6.62
C THR A 87 4.11 0.29 7.87
N ILE A 88 3.50 0.10 9.04
CA ILE A 88 4.16 0.34 10.32
C ILE A 88 5.14 -0.80 10.63
N THR A 89 6.44 -0.48 10.67
CA THR A 89 7.49 -1.46 10.93
C THR A 89 8.45 -0.95 12.01
N PRO A 90 9.03 -1.88 12.80
CA PRO A 90 10.02 -1.53 13.81
C PRO A 90 11.25 -0.85 13.20
N ASP A 91 11.62 -1.26 11.99
CA ASP A 91 12.70 -0.63 11.25
C ASP A 91 12.43 0.86 11.08
N ARG A 92 11.21 1.19 10.68
CA ARG A 92 10.81 2.56 10.42
C ARG A 92 10.48 3.35 11.69
N GLU A 93 10.07 2.64 12.74
CA GLU A 93 9.75 3.30 14.01
C GLU A 93 11.01 3.84 14.69
N ASN A 94 12.18 3.48 14.15
CA ASN A 94 13.46 3.92 14.68
C ASN A 94 13.94 5.26 14.10
N VAL A 95 13.35 5.65 12.97
CA VAL A 95 13.76 6.90 12.29
C VAL A 95 12.62 7.90 12.13
N VAL A 96 11.38 7.41 12.12
CA VAL A 96 10.21 8.29 12.08
C VAL A 96 9.20 7.89 13.15
N ASP A 97 8.32 8.82 13.52
CA ASP A 97 7.28 8.54 14.49
C ASP A 97 5.96 8.18 13.80
N PHE A 98 5.42 7.02 14.16
CA PHE A 98 4.16 6.55 13.57
C PHE A 98 2.98 6.88 14.46
N THR A 99 1.84 7.19 13.84
CA THR A 99 0.58 7.28 14.55
C THR A 99 0.11 5.87 14.79
N THR A 100 -1.03 5.73 15.45
CA THR A 100 -1.67 4.42 15.52
C THR A 100 -2.17 4.07 14.13
N ARG A 101 -2.37 2.77 13.91
CA ARG A 101 -2.84 2.24 12.63
C ARG A 101 -4.22 2.80 12.26
N TYR A 102 -4.39 3.16 11.00
CA TYR A 102 -5.68 3.64 10.50
C TYR A 102 -6.27 2.72 9.42
N MET A 103 -5.47 1.75 8.99
CA MET A 103 -5.90 0.78 7.98
C MET A 103 -5.22 -0.57 8.20
N ASP A 104 -5.98 -1.64 8.09
CA ASP A 104 -5.42 -2.97 8.28
C ASP A 104 -4.74 -3.49 7.01
N TYR A 105 -3.55 -4.04 7.18
CA TYR A 105 -2.82 -4.64 6.06
C TYR A 105 -3.58 -5.87 5.57
N SER A 106 -3.57 -6.06 4.25
CA SER A 106 -4.24 -7.20 3.65
C SER A 106 -3.53 -7.60 2.37
N VAL A 107 -3.53 -8.89 2.07
CA VAL A 107 -2.94 -9.40 0.84
C VAL A 107 -4.01 -10.12 0.02
N GLY A 108 -4.04 -9.84 -1.29
CA GLY A 108 -5.04 -10.44 -2.15
C GLY A 108 -4.52 -10.69 -3.56
N VAL A 109 -5.37 -11.29 -4.40
CA VAL A 109 -4.99 -11.57 -5.78
C VAL A 109 -6.09 -11.15 -6.75
N LEU A 110 -5.70 -10.46 -7.82
CA LEU A 110 -6.66 -10.02 -8.84
C LEU A 110 -6.73 -11.04 -9.97
N LEU A 111 -7.94 -11.49 -10.28
CA LEU A 111 -8.14 -12.54 -11.28
C LEU A 111 -9.12 -12.12 -12.37
N ARG A 112 -8.97 -12.70 -13.56
CA ARG A 112 -9.93 -12.49 -14.64
C ARG A 112 -11.28 -13.06 -14.23
N ARG A 113 -12.35 -12.39 -14.65
CA ARG A 113 -13.71 -12.85 -14.33
C ARG A 113 -13.96 -14.24 -14.89
N GLY A 114 -14.30 -15.18 -14.00
CA GLY A 114 -14.55 -16.55 -14.39
C GLY A 114 -13.41 -17.48 -14.00
N THR A 115 -13.12 -17.55 -12.70
CA THR A 115 -12.03 -18.37 -12.19
C THR A 115 -12.50 -19.30 -11.07
N SER A 116 -11.65 -20.27 -10.73
CA SER A 116 -11.93 -21.20 -9.64
C SER A 116 -11.16 -20.82 -8.39
N ILE A 117 -10.20 -19.92 -8.53
CA ILE A 117 -9.35 -19.50 -7.42
C ILE A 117 -10.16 -18.83 -6.31
N GLN A 118 -10.01 -19.32 -5.09
CA GLN A 118 -10.73 -18.80 -3.94
C GLN A 118 -9.80 -18.11 -2.95
N SER A 119 -8.52 -18.44 -3.01
CA SER A 119 -7.55 -17.93 -2.07
C SER A 119 -6.13 -17.94 -2.64
N LEU A 120 -5.20 -17.35 -1.90
CA LEU A 120 -3.79 -17.41 -2.25
C LEU A 120 -3.28 -18.85 -2.17
N GLN A 121 -3.88 -19.62 -1.27
CA GLN A 121 -3.56 -21.04 -1.12
C GLN A 121 -3.83 -21.80 -2.41
N ASP A 122 -5.03 -21.61 -2.95
CA ASP A 122 -5.41 -22.22 -4.22
C ASP A 122 -4.47 -21.81 -5.34
N LEU A 123 -4.18 -20.51 -5.40
CA LEU A 123 -3.33 -19.95 -6.45
C LEU A 123 -1.96 -20.61 -6.47
N SER A 124 -1.47 -20.97 -5.28
CA SER A 124 -0.15 -21.60 -5.15
C SER A 124 -0.16 -23.06 -5.60
N LYS A 125 -1.35 -23.65 -5.67
CA LYS A 125 -1.48 -25.08 -5.97
C LYS A 125 -1.85 -25.33 -7.43
N GLN A 126 -1.85 -24.28 -8.24
CA GLN A 126 -2.08 -24.41 -9.67
C GLN A 126 -1.00 -23.66 -10.44
N THR A 127 -0.87 -23.96 -11.73
CA THR A 127 0.16 -23.32 -12.55
C THR A 127 -0.37 -22.83 -13.90
N ASP A 128 -1.58 -23.24 -14.25
CA ASP A 128 -2.19 -22.85 -15.51
C ASP A 128 -2.40 -21.34 -15.63
N ILE A 129 -2.69 -20.70 -14.51
CA ILE A 129 -2.72 -19.24 -14.45
C ILE A 129 -1.47 -18.74 -13.76
N PRO A 130 -0.50 -18.22 -14.55
CA PRO A 130 0.72 -17.64 -13.98
C PRO A 130 0.37 -16.45 -13.10
N TYR A 131 1.16 -16.21 -12.07
CA TYR A 131 0.89 -15.09 -11.17
C TYR A 131 2.17 -14.43 -10.72
N GLY A 132 2.05 -13.24 -10.14
CA GLY A 132 3.19 -12.49 -9.67
C GLY A 132 2.77 -11.16 -9.09
N THR A 133 3.74 -10.26 -8.91
CA THR A 133 3.47 -8.97 -8.30
C THR A 133 4.44 -7.93 -8.85
N VAL A 134 4.59 -6.83 -8.12
CA VAL A 134 5.58 -5.81 -8.49
C VAL A 134 6.94 -6.20 -7.96
N LEU A 135 7.96 -6.13 -8.82
CA LEU A 135 9.32 -6.49 -8.48
C LEU A 135 9.83 -5.68 -7.29
N ASP A 136 10.46 -6.36 -6.34
CA ASP A 136 11.07 -5.71 -5.16
C ASP A 136 10.06 -4.95 -4.28
N SER A 137 8.79 -5.30 -4.39
CA SER A 137 7.75 -4.70 -3.55
C SER A 137 7.62 -5.45 -2.22
N ALA A 138 6.62 -5.09 -1.44
CA ALA A 138 6.39 -5.76 -0.16
C ALA A 138 6.01 -7.22 -0.37
N VAL A 139 4.99 -7.44 -1.20
CA VAL A 139 4.54 -8.78 -1.54
C VAL A 139 5.67 -9.65 -2.08
N TYR A 140 6.45 -9.09 -3.01
CA TYR A 140 7.57 -9.82 -3.61
C TYR A 140 8.59 -10.25 -2.56
N GLN A 141 9.04 -9.29 -1.75
CA GLN A 141 10.07 -9.56 -0.75
C GLN A 141 9.61 -10.51 0.35
N HIS A 142 8.30 -10.54 0.61
CA HIS A 142 7.74 -11.46 1.61
C HIS A 142 7.76 -12.89 1.09
N VAL A 143 7.26 -13.08 -0.13
CA VAL A 143 7.26 -14.39 -0.78
C VAL A 143 8.68 -14.92 -0.94
N ARG A 144 9.60 -14.04 -1.32
CA ARG A 144 11.00 -14.41 -1.48
C ARG A 144 11.59 -14.89 -0.15
N MET A 145 11.35 -14.14 0.91
CA MET A 145 11.88 -14.45 2.24
C MET A 145 11.33 -15.78 2.75
N LYS A 146 10.00 -15.91 2.72
CA LYS A 146 9.34 -17.10 3.24
C LYS A 146 9.65 -18.34 2.42
N GLY A 147 9.81 -18.17 1.12
CA GLY A 147 10.08 -19.28 0.23
C GLY A 147 11.55 -19.69 0.21
N LEU A 148 12.39 -18.89 0.85
CA LEU A 148 13.82 -19.18 0.93
C LEU A 148 14.27 -19.46 2.35
N ASN A 149 13.36 -19.32 3.31
CA ASN A 149 13.67 -19.55 4.72
C ASN A 149 13.60 -21.02 5.09
N PRO A 150 14.76 -21.60 5.48
CA PRO A 150 14.85 -23.01 5.86
C PRO A 150 14.05 -23.35 7.12
N PHE A 151 13.68 -22.34 7.90
CA PHE A 151 12.85 -22.54 9.08
C PHE A 151 11.39 -22.70 8.71
N GLU A 152 10.96 -21.97 7.69
CA GLU A 152 9.59 -22.02 7.21
C GLU A 152 9.32 -23.30 6.43
N ARG A 153 8.25 -24.00 6.79
CA ARG A 153 7.79 -25.14 6.00
C ARG A 153 6.31 -25.03 5.68
N ASP A 154 5.90 -23.86 5.21
CA ASP A 154 4.60 -23.68 4.59
C ASP A 154 4.85 -23.75 3.09
N SER A 155 4.48 -24.89 2.49
CA SER A 155 4.79 -25.16 1.09
C SER A 155 4.20 -24.13 0.12
N MET A 156 3.28 -23.30 0.61
CA MET A 156 2.68 -22.26 -0.22
C MET A 156 3.72 -21.25 -0.70
N TYR A 157 4.50 -20.72 0.22
CA TYR A 157 5.50 -19.70 -0.10
C TYR A 157 6.64 -20.26 -0.96
N SER A 158 6.88 -21.56 -0.85
CA SER A 158 7.92 -22.20 -1.65
C SER A 158 7.46 -22.34 -3.10
N GLN A 159 6.21 -22.74 -3.29
CA GLN A 159 5.63 -22.90 -4.62
C GLN A 159 5.39 -21.54 -5.29
N MET A 160 4.96 -20.57 -4.50
CA MET A 160 4.71 -19.22 -5.01
C MET A 160 6.00 -18.58 -5.49
N TRP A 161 7.06 -18.69 -4.71
CA TRP A 161 8.35 -18.14 -5.07
C TRP A 161 8.89 -18.82 -6.32
N ARG A 162 8.56 -20.09 -6.49
CA ARG A 162 8.97 -20.86 -7.66
C ARG A 162 8.33 -20.29 -8.93
N MET A 163 7.08 -19.87 -8.82
CA MET A 163 6.35 -19.26 -9.92
C MET A 163 6.80 -17.82 -10.17
N ILE A 164 6.89 -17.04 -9.09
CA ILE A 164 7.26 -15.64 -9.14
C ILE A 164 8.69 -15.43 -9.64
N ASN A 165 9.59 -16.33 -9.26
CA ASN A 165 11.01 -16.18 -9.61
C ASN A 165 11.42 -16.93 -10.88
N ARG A 166 10.45 -17.28 -11.71
CA ARG A 166 10.75 -17.86 -13.02
C ARG A 166 11.57 -16.88 -13.84
N SER A 167 12.65 -17.36 -14.46
CA SER A 167 13.55 -16.52 -15.24
C SER A 167 14.07 -15.35 -14.40
N ASN A 168 14.37 -15.64 -13.14
CA ASN A 168 14.84 -14.64 -12.20
C ASN A 168 13.87 -13.47 -11.99
N GLY A 169 12.60 -13.70 -12.28
CA GLY A 169 11.55 -12.73 -11.99
C GLY A 169 11.10 -11.86 -13.14
N SER A 170 11.60 -12.14 -14.34
CA SER A 170 11.28 -11.32 -15.51
C SER A 170 9.99 -11.77 -16.22
N GLU A 171 9.57 -12.99 -15.93
CA GLU A 171 8.48 -13.63 -16.68
C GLU A 171 7.08 -13.33 -16.13
N ASN A 172 6.95 -13.31 -14.80
CA ASN A 172 5.65 -13.21 -14.17
C ASN A 172 5.45 -11.97 -13.30
N ASN A 173 6.45 -11.10 -13.26
CA ASN A 173 6.35 -9.88 -12.47
C ASN A 173 6.29 -8.62 -13.33
N VAL A 174 6.00 -7.49 -12.69
CA VAL A 174 5.87 -6.21 -13.39
C VAL A 174 6.60 -5.11 -12.62
N LEU A 175 6.71 -3.93 -13.22
CA LEU A 175 7.44 -2.82 -12.63
C LEU A 175 6.50 -1.84 -11.91
N GLU A 176 5.22 -1.92 -12.25
CA GLU A 176 4.19 -1.06 -11.66
C GLU A 176 2.94 -1.88 -11.43
N SER A 177 2.12 -1.48 -10.46
CA SER A 177 0.86 -2.16 -10.20
C SER A 177 -0.13 -2.01 -11.35
N GLN A 178 -0.09 -0.87 -12.03
CA GLN A 178 -0.94 -0.64 -13.19
C GLN A 178 -0.67 -1.66 -14.28
N ALA A 179 0.60 -2.03 -14.42
CA ALA A 179 1.02 -3.02 -15.43
C ALA A 179 0.46 -4.39 -15.09
N GLY A 180 0.45 -4.74 -13.81
CA GLY A 180 -0.07 -6.02 -13.36
C GLY A 180 -1.57 -6.14 -13.58
N ILE A 181 -2.28 -5.04 -13.41
CA ILE A 181 -3.74 -5.01 -13.56
C ILE A 181 -4.14 -5.21 -15.02
N GLN A 182 -3.45 -4.50 -15.92
CA GLN A 182 -3.73 -4.61 -17.35
C GLN A 182 -3.37 -5.99 -17.89
N LYS A 183 -2.38 -6.63 -17.27
CA LYS A 183 -1.94 -7.96 -17.69
C LYS A 183 -3.01 -9.00 -17.33
N VAL A 184 -3.73 -8.75 -16.24
CA VAL A 184 -4.84 -9.60 -15.84
C VAL A 184 -6.02 -9.38 -16.79
N LYS A 185 -6.21 -8.11 -17.18
CA LYS A 185 -7.33 -7.71 -18.02
C LYS A 185 -7.23 -8.26 -19.45
N TYR A 186 -6.02 -8.30 -19.98
CA TYR A 186 -5.82 -8.65 -21.39
C TYR A 186 -5.00 -9.91 -21.63
N GLY A 187 -4.63 -10.61 -20.55
CA GLY A 187 -3.85 -11.83 -20.69
C GLY A 187 -4.29 -12.94 -19.75
N ASN A 188 -3.48 -13.99 -19.68
CA ASN A 188 -3.69 -15.07 -18.72
C ASN A 188 -2.77 -14.87 -17.51
N TYR A 189 -3.27 -14.15 -16.51
CA TYR A 189 -2.41 -13.71 -15.41
C TYR A 189 -3.20 -13.38 -14.15
N ALA A 190 -2.57 -13.56 -12.99
CA ALA A 190 -3.13 -13.17 -11.71
C ALA A 190 -2.13 -12.24 -10.99
N PHE A 191 -2.63 -11.14 -10.45
CA PHE A 191 -1.77 -10.14 -9.83
C PHE A 191 -1.96 -10.08 -8.30
N VAL A 192 -0.90 -10.39 -7.56
CA VAL A 192 -0.94 -10.37 -6.10
C VAL A 192 -0.55 -9.00 -5.55
N TRP A 193 -1.39 -8.44 -4.69
CA TRP A 193 -1.19 -7.07 -4.20
C TRP A 193 -1.99 -6.84 -2.93
N ASP A 194 -2.02 -5.60 -2.46
CA ASP A 194 -2.86 -5.22 -1.33
C ASP A 194 -4.32 -5.47 -1.68
N ALA A 195 -5.02 -6.21 -0.83
CA ALA A 195 -6.39 -6.62 -1.11
C ALA A 195 -7.34 -5.44 -1.25
N ALA A 196 -7.15 -4.40 -0.44
CA ALA A 196 -8.00 -3.22 -0.48
C ALA A 196 -7.86 -2.47 -1.80
N VAL A 197 -6.64 -2.41 -2.32
CA VAL A 197 -6.38 -1.80 -3.62
C VAL A 197 -7.12 -2.56 -4.71
N LEU A 198 -6.94 -3.88 -4.71
CA LEU A 198 -7.51 -4.74 -5.75
C LEU A 198 -9.04 -4.76 -5.72
N GLU A 199 -9.62 -4.61 -4.55
CA GLU A 199 -11.08 -4.56 -4.42
C GLU A 199 -11.61 -3.29 -5.07
N TYR A 200 -10.89 -2.19 -4.88
CA TYR A 200 -11.24 -0.92 -5.50
C TYR A 200 -11.16 -1.01 -7.01
N VAL A 201 -10.09 -1.63 -7.50
CA VAL A 201 -9.87 -1.80 -8.93
C VAL A 201 -10.98 -2.63 -9.57
N ALA A 202 -11.31 -3.74 -8.93
CA ALA A 202 -12.34 -4.65 -9.43
C ALA A 202 -13.72 -3.97 -9.44
N ILE A 203 -14.03 -3.27 -8.36
CA ILE A 203 -15.30 -2.55 -8.22
C ILE A 203 -15.48 -1.52 -9.33
N ASN A 204 -14.40 -0.85 -9.70
CA ASN A 204 -14.47 0.28 -10.62
C ASN A 204 -14.08 0.03 -12.08
N ASP A 205 -13.75 -1.21 -12.41
CA ASP A 205 -13.41 -1.56 -13.80
C ASP A 205 -14.65 -1.44 -14.69
N PRO A 206 -14.54 -0.65 -15.77
CA PRO A 206 -15.66 -0.33 -16.67
C PRO A 206 -16.18 -1.56 -17.43
N ASP A 207 -15.34 -2.57 -17.58
CA ASP A 207 -15.76 -3.81 -18.23
C ASP A 207 -16.20 -4.85 -17.21
N CYS A 208 -15.99 -4.55 -15.93
CA CYS A 208 -16.23 -5.49 -14.84
C CYS A 208 -15.60 -6.85 -15.16
N SER A 209 -14.30 -6.83 -15.44
CA SER A 209 -13.59 -8.00 -15.89
C SER A 209 -12.77 -8.68 -14.79
N PHE A 210 -12.82 -8.11 -13.59
CA PHE A 210 -12.01 -8.63 -12.49
C PHE A 210 -12.82 -9.28 -11.38
N TYR A 211 -12.17 -10.24 -10.71
CA TYR A 211 -12.66 -10.80 -9.46
C TYR A 211 -11.48 -10.82 -8.50
N THR A 212 -11.73 -10.65 -7.21
CA THR A 212 -10.63 -10.60 -6.24
C THR A 212 -10.93 -11.36 -4.95
N VAL A 213 -9.93 -12.06 -4.44
CA VAL A 213 -10.00 -12.70 -3.12
C VAL A 213 -8.75 -12.31 -2.34
N GLY A 214 -8.86 -12.32 -1.02
CA GLY A 214 -7.75 -11.96 -0.17
C GLY A 214 -8.03 -12.14 1.30
N ASN A 215 -6.97 -12.43 2.06
CA ASN A 215 -7.07 -12.50 3.51
C ASN A 215 -6.37 -11.32 4.14
N THR A 216 -6.96 -10.78 5.22
CA THR A 216 -6.32 -9.69 5.95
C THR A 216 -5.22 -10.25 6.83
N VAL A 217 -4.31 -9.38 7.27
CA VAL A 217 -3.20 -9.79 8.13
C VAL A 217 -3.18 -8.99 9.42
N ALA A 218 -3.44 -9.67 10.54
CA ALA A 218 -3.41 -9.01 11.85
C ALA A 218 -1.99 -8.63 12.24
N ASP A 219 -1.87 -7.69 13.18
CA ASP A 219 -0.58 -7.16 13.62
C ASP A 219 0.22 -6.57 12.46
N ARG A 220 -0.50 -6.02 11.48
CA ARG A 220 0.11 -5.40 10.32
C ARG A 220 -0.86 -4.35 9.77
N GLY A 221 -0.35 -3.17 9.46
CA GLY A 221 -1.19 -2.13 8.91
C GLY A 221 -0.50 -0.82 8.57
N TYR A 222 -1.28 0.10 7.98
CA TYR A 222 -0.76 1.37 7.51
C TYR A 222 -1.00 2.47 8.54
N GLY A 223 -0.03 3.38 8.67
CA GLY A 223 -0.15 4.49 9.58
C GLY A 223 0.35 5.80 8.99
N ILE A 224 0.06 6.91 9.68
CA ILE A 224 0.59 8.21 9.30
C ILE A 224 1.95 8.38 9.95
N ALA A 225 2.94 8.81 9.18
CA ALA A 225 4.29 9.00 9.72
C ALA A 225 4.60 10.48 9.94
N LEU A 226 5.44 10.76 10.92
CA LEU A 226 5.87 12.12 11.23
C LEU A 226 7.37 12.11 11.47
N GLN A 227 7.96 13.29 11.64
CA GLN A 227 9.38 13.39 11.97
C GLN A 227 9.64 12.76 13.33
N HIS A 228 10.87 12.31 13.55
CA HIS A 228 11.22 11.72 14.84
C HIS A 228 11.19 12.79 15.92
N GLY A 229 10.33 12.59 16.92
CA GLY A 229 10.15 13.58 17.97
C GLY A 229 9.20 14.69 17.58
N SER A 230 8.22 14.36 16.75
CA SER A 230 7.22 15.34 16.32
C SER A 230 6.24 15.63 17.44
N PRO A 231 5.86 16.91 17.58
CA PRO A 231 4.93 17.34 18.63
C PRO A 231 3.48 17.05 18.25
N TYR A 232 3.28 16.48 17.06
CA TYR A 232 1.94 16.27 16.52
C TYR A 232 1.47 14.82 16.56
N ARG A 233 2.36 13.90 16.90
CA ARG A 233 2.02 12.48 16.86
C ARG A 233 0.86 12.10 17.79
N ASP A 234 0.97 12.47 19.06
CA ASP A 234 -0.02 12.07 20.06
C ASP A 234 -1.42 12.56 19.75
N VAL A 235 -1.56 13.84 19.38
CA VAL A 235 -2.86 14.37 18.99
C VAL A 235 -3.35 13.75 17.68
N PHE A 236 -2.44 13.38 16.80
CA PHE A 236 -2.79 12.67 15.57
C PHE A 236 -3.36 11.29 15.90
N SER A 237 -2.68 10.57 16.80
CA SER A 237 -3.10 9.24 17.20
C SER A 237 -4.43 9.26 17.95
N GLN A 238 -4.61 10.25 18.83
CA GLN A 238 -5.85 10.43 19.57
C GLN A 238 -7.03 10.60 18.63
N ARG A 239 -6.86 11.48 17.64
CA ARG A 239 -7.94 11.77 16.69
C ARG A 239 -8.33 10.54 15.87
N ILE A 240 -7.34 9.72 15.52
CA ILE A 240 -7.58 8.48 14.78
C ILE A 240 -8.45 7.52 15.59
N LEU A 241 -8.16 7.39 16.88
CA LEU A 241 -8.98 6.59 17.78
C LEU A 241 -10.41 7.11 17.81
N GLU A 242 -10.54 8.43 17.94
CA GLU A 242 -11.86 9.08 17.98
C GLU A 242 -12.67 8.82 16.71
N LEU A 243 -12.01 8.90 15.56
CA LEU A 243 -12.66 8.60 14.28
C LEU A 243 -13.12 7.15 14.24
N GLN A 244 -12.37 6.27 14.91
CA GLN A 244 -12.68 4.85 14.94
C GLN A 244 -13.90 4.54 15.83
N GLN A 245 -13.92 5.13 17.02
CA GLN A 245 -15.00 4.90 17.98
C GLN A 245 -16.31 5.53 17.51
N SER A 246 -16.21 6.72 16.95
CA SER A 246 -17.39 7.47 16.49
C SER A 246 -18.02 6.83 15.27
N GLY A 247 -17.25 5.97 14.58
CA GLY A 247 -17.74 5.32 13.38
C GLY A 247 -17.52 6.19 12.16
N ASP A 248 -16.66 7.19 12.30
CA ASP A 248 -16.35 8.10 11.20
C ASP A 248 -15.41 7.43 10.20
N MET A 249 -14.54 6.56 10.71
CA MET A 249 -13.58 5.86 9.88
C MET A 249 -14.28 4.84 8.97
N ASP A 250 -15.36 4.26 9.46
CA ASP A 250 -16.10 3.27 8.69
C ASP A 250 -16.96 3.92 7.60
N ILE A 251 -17.19 5.23 7.73
CA ILE A 251 -17.90 5.97 6.69
C ILE A 251 -16.92 6.37 5.57
N LEU A 252 -15.69 6.65 5.96
CA LEU A 252 -14.63 6.91 4.98
C LEU A 252 -14.34 5.65 4.17
N LYS A 253 -14.23 4.52 4.86
CA LYS A 253 -13.95 3.24 4.21
C LYS A 253 -15.08 2.81 3.27
N HIS A 254 -16.31 3.17 3.64
CA HIS A 254 -17.47 2.85 2.81
C HIS A 254 -17.57 3.79 1.61
N LYS A 255 -17.00 4.98 1.74
CA LYS A 255 -16.97 5.93 0.63
C LYS A 255 -16.08 5.40 -0.49
N TRP A 256 -15.06 4.63 -0.11
CA TRP A 256 -14.09 4.13 -1.08
C TRP A 256 -14.25 2.65 -1.36
N TRP A 257 -14.80 1.92 -0.39
CA TRP A 257 -15.07 0.49 -0.56
C TRP A 257 -16.52 0.15 -0.26
N PRO A 258 -17.44 0.56 -1.16
CA PRO A 258 -18.87 0.28 -0.96
C PRO A 258 -19.18 -1.21 -1.19
C4 CKA B . 1.58 -1.94 -1.72
C5 CKA B . 0.25 -1.56 -1.62
C6 CKA B . -0.13 -0.73 -0.55
C7 CKA B . 0.78 -0.28 0.40
C8 CKA B . 2.12 -0.68 0.29
C9 CKA B . 4.37 -0.61 1.13
C10 CKA B . 5.24 -0.02 2.27
N1 CKA B . 3.07 -0.26 1.20
C3 CKA B . 2.54 -1.51 -0.79
C1 CKA B . 4.84 -1.41 0.13
C2 CKA B . 3.96 -1.92 -0.91
O1 CKA B . 4.34 -2.66 -1.83
CL1 CKA B . -1.81 -0.26 -0.41
O2 CKA B . 4.61 0.69 3.09
O3 CKA B . 6.46 -0.31 2.25
C4 CKA C . 2.69 -11.49 1.20
C5 CKA C . 2.52 -12.14 -0.01
C6 CKA C . 1.65 -13.25 -0.06
C7 CKA C . 0.98 -13.71 1.06
C8 CKA C . 1.16 -13.03 2.29
C9 CKA C . 0.65 -12.84 4.63
C10 CKA C . -0.17 -13.48 5.76
N1 CKA C . 0.51 -13.45 3.42
C3 CKA C . 2.03 -11.92 2.37
C1 CKA C . 1.48 -11.75 4.78
C2 CKA C . 2.23 -11.21 3.66
O1 CKA C . 2.98 -10.22 3.75
CL1 CKA C . 1.42 -14.09 -1.58
O2 CKA C . 0.24 -13.31 6.93
O3 CKA C . -1.20 -14.10 5.37
C4 CKA D . -0.25 -6.71 -21.14
C5 CKA D . -1.16 -5.72 -21.48
C6 CKA D . -0.90 -4.39 -21.08
C7 CKA D . 0.23 -4.05 -20.34
C8 CKA D . 1.15 -5.06 -20.00
C9 CKA D . 3.19 -5.71 -18.92
C10 CKA D . 4.39 -5.17 -18.10
N1 CKA D . 2.28 -4.78 -19.27
C3 CKA D . 0.91 -6.41 -20.40
C1 CKA D . 3.02 -7.03 -19.26
C2 CKA D . 1.88 -7.48 -20.03
O1 CKA D . 1.70 -8.66 -20.36
CL1 CKA D . -2.04 -3.14 -21.51
O2 CKA D . 5.18 -6.00 -17.63
O3 CKA D . 4.42 -3.91 -18.03
C1 GOL E . 3.42 2.11 -5.46
O1 GOL E . 3.63 0.95 -4.69
C2 GOL E . 4.65 3.01 -5.40
O2 GOL E . 5.82 2.22 -5.22
C3 GOL E . 4.75 3.80 -6.70
O3 GOL E . 3.82 4.86 -6.68
CL CL F . -5.49 22.72 3.35
#